data_1B42
#
_entry.id   1B42
#
_cell.length_a   84.907
_cell.length_b   66.997
_cell.length_c   79.741
_cell.angle_alpha   90.00
_cell.angle_beta   117.30
_cell.angle_gamma   90.00
#
_symmetry.space_group_name_H-M   'C 1 2 1'
#
loop_
_entity.id
_entity.type
_entity.pdbx_description
1 polymer VP39
2 non-polymer S-ADENOSYL-L-HOMOCYSTEINE
3 non-polymer 6-AMINO-1-METHYLPURINE
4 water water
#
_entity_poly.entity_id   1
_entity_poly.type   'polypeptide(L)'
_entity_poly.pdbx_seq_one_letter_code
;MDVVSLDKPFMYFEEIDNELDYEPESANEVAKKLPYQGQLKLLLGELFFLSKLQRHGILDGATVVYIGSAPGTHIRYLRD
HFYNLGVIIKWMLIDGRHHDPILNGLRDVTLVTRFVDEEYLRSIKKQLHPSKIILISDVRSKRGGNEPSTADLLSNYALQ
NVMISILNPVASSLKWRCPFPDQWIKDFYIPHGNKMLQPFAPSYSAEMRLLSIYTGENMRLTRVTKSDAVNYEKKMYYLN
KIVRNKVVVNFDYPNQEYDYFHMYFMLRTVYCNKTFPTTKAKVLFLQQSIFRFLNIP
;
_entity_poly.pdbx_strand_id   A
#
# COMPACT_ATOMS: atom_id res chain seq x y z
N MET A 1 9.29 -29.50 -5.28
CA MET A 1 8.41 -28.36 -4.89
C MET A 1 8.86 -27.85 -3.49
N ASP A 2 8.73 -26.56 -3.25
CA ASP A 2 9.16 -25.93 -1.99
C ASP A 2 8.01 -25.81 -0.98
N VAL A 3 7.64 -26.92 -0.35
CA VAL A 3 6.51 -26.93 0.58
C VAL A 3 6.75 -26.64 2.07
N VAL A 4 5.77 -26.00 2.70
CA VAL A 4 5.86 -25.60 4.09
C VAL A 4 4.48 -25.39 4.73
N SER A 5 4.43 -25.37 6.06
CA SER A 5 3.21 -25.12 6.82
C SER A 5 3.41 -23.92 7.73
N LEU A 6 2.53 -22.92 7.58
CA LEU A 6 2.57 -21.69 8.35
C LEU A 6 1.24 -21.43 9.01
N ASP A 7 1.29 -20.72 10.11
CA ASP A 7 0.09 -20.35 10.85
C ASP A 7 -0.54 -19.12 10.20
N LYS A 8 0.27 -18.08 10.08
CA LYS A 8 -0.13 -16.81 9.51
C LYS A 8 1.04 -16.30 8.70
N PRO A 9 0.81 -15.35 7.78
CA PRO A 9 1.92 -14.82 6.99
C PRO A 9 2.55 -13.63 7.73
N PHE A 10 3.70 -13.13 7.26
CA PHE A 10 4.30 -11.94 7.87
C PHE A 10 3.43 -10.78 7.38
N MET A 11 2.77 -10.08 8.29
CA MET A 11 1.90 -8.98 7.92
C MET A 11 2.65 -7.64 7.92
N TYR A 12 3.56 -7.49 8.88
CA TYR A 12 4.36 -6.27 9.03
C TYR A 12 5.86 -6.55 9.08
N PHE A 13 6.67 -5.55 8.75
CA PHE A 13 8.12 -5.68 8.73
C PHE A 13 8.73 -6.36 9.95
N GLU A 14 8.32 -5.91 11.13
CA GLU A 14 8.86 -6.42 12.39
C GLU A 14 8.63 -7.90 12.64
N GLU A 15 7.67 -8.47 11.92
CA GLU A 15 7.36 -9.85 12.10
C GLU A 15 8.38 -10.76 11.42
N ILE A 16 9.10 -10.21 10.44
CA ILE A 16 10.12 -11.01 9.73
C ILE A 16 11.18 -11.53 10.71
N ASP A 17 11.18 -12.85 10.91
CA ASP A 17 12.08 -13.51 11.85
C ASP A 17 13.43 -14.03 11.36
N ASN A 18 13.95 -13.47 10.29
CA ASN A 18 15.21 -13.96 9.81
C ASN A 18 15.75 -13.00 8.76
N GLU A 19 16.99 -13.22 8.33
CA GLU A 19 17.59 -12.34 7.34
C GLU A 19 18.61 -13.07 6.51
N LEU A 20 18.95 -12.53 5.35
CA LEU A 20 19.89 -13.16 4.42
C LEU A 20 20.70 -12.05 3.79
N ASP A 21 21.96 -12.37 3.45
CA ASP A 21 22.85 -11.40 2.81
C ASP A 21 22.28 -11.25 1.40
N TYR A 22 22.07 -10.01 0.98
CA TYR A 22 21.52 -9.74 -0.34
C TYR A 22 22.45 -10.18 -1.47
N GLU A 23 21.90 -10.90 -2.44
CA GLU A 23 22.66 -11.37 -3.58
C GLU A 23 22.30 -10.50 -4.77
N PRO A 24 23.20 -9.60 -5.18
CA PRO A 24 22.91 -8.72 -6.31
C PRO A 24 22.44 -9.40 -7.60
N GLU A 25 22.58 -10.72 -7.63
CA GLU A 25 22.16 -11.54 -8.78
C GLU A 25 20.64 -11.70 -8.89
N SER A 26 19.93 -11.38 -7.81
CA SER A 26 18.47 -11.49 -7.77
C SER A 26 17.77 -10.43 -8.60
N ALA A 27 18.49 -9.34 -8.88
CA ALA A 27 17.97 -8.23 -9.67
C ALA A 27 17.76 -8.67 -11.10
N ASN A 28 18.47 -9.73 -11.48
CA ASN A 28 18.39 -10.29 -12.82
C ASN A 28 17.28 -11.32 -12.92
N GLU A 29 16.58 -11.54 -11.83
CA GLU A 29 15.49 -12.52 -11.81
C GLU A 29 14.13 -11.91 -12.01
N VAL A 30 13.29 -12.65 -12.75
CA VAL A 30 11.91 -12.28 -13.09
C VAL A 30 11.19 -11.56 -11.95
N ALA A 31 10.83 -10.28 -12.18
CA ALA A 31 10.17 -9.47 -11.17
C ALA A 31 8.66 -9.66 -11.05
N LYS A 32 8.01 -10.09 -12.12
CA LYS A 32 6.57 -10.29 -12.04
C LYS A 32 6.05 -11.50 -12.81
N LYS A 33 4.96 -12.05 -12.31
CA LYS A 33 4.35 -13.22 -12.89
C LYS A 33 2.89 -13.03 -13.31
N LEU A 34 2.25 -11.96 -12.84
CA LEU A 34 0.84 -11.71 -13.15
C LEU A 34 0.67 -10.42 -13.89
N PRO A 35 -0.23 -10.40 -14.86
CA PRO A 35 -0.42 -9.14 -15.57
C PRO A 35 -1.14 -8.18 -14.61
N TYR A 36 -0.83 -6.89 -14.75
CA TYR A 36 -1.39 -5.84 -13.91
C TYR A 36 -1.12 -6.15 -12.45
N GLN A 37 -0.02 -6.86 -12.18
CA GLN A 37 0.35 -7.24 -10.83
C GLN A 37 0.58 -6.02 -9.92
N GLY A 38 1.05 -4.92 -10.52
CA GLY A 38 1.28 -3.68 -9.79
C GLY A 38 -0.02 -3.09 -9.26
N GLN A 39 -1.09 -3.21 -10.05
CA GLN A 39 -2.41 -2.70 -9.65
C GLN A 39 -2.96 -3.59 -8.55
N LEU A 40 -2.73 -4.90 -8.69
CA LEU A 40 -3.17 -5.88 -7.69
C LEU A 40 -2.52 -5.55 -6.36
N LYS A 41 -1.20 -5.38 -6.39
CA LYS A 41 -0.40 -5.04 -5.23
C LYS A 41 -1.02 -3.82 -4.53
N LEU A 42 -1.24 -2.75 -5.30
CA LEU A 42 -1.83 -1.52 -4.78
C LEU A 42 -3.26 -1.68 -4.27
N LEU A 43 -4.08 -2.39 -5.01
CA LEU A 43 -5.46 -2.61 -4.61
C LEU A 43 -5.58 -3.34 -3.28
N LEU A 44 -4.81 -4.41 -3.07
CA LEU A 44 -4.92 -5.14 -1.78
C LEU A 44 -4.48 -4.29 -0.60
N GLY A 45 -3.30 -3.70 -0.72
CA GLY A 45 -2.74 -2.87 0.31
C GLY A 45 -3.64 -1.73 0.67
N GLU A 46 -4.26 -1.09 -0.32
CA GLU A 46 -5.17 0.01 -0.07
C GLU A 46 -6.55 -0.42 0.43
N LEU A 47 -7.02 -1.63 0.07
CA LEU A 47 -8.30 -2.12 0.59
C LEU A 47 -8.10 -2.42 2.07
N PHE A 48 -6.95 -3.01 2.38
CA PHE A 48 -6.57 -3.38 3.74
C PHE A 48 -6.51 -2.12 4.62
N PHE A 49 -5.71 -1.14 4.22
CA PHE A 49 -5.58 0.11 4.96
C PHE A 49 -6.94 0.76 5.22
N LEU A 50 -7.73 0.94 4.17
CA LEU A 50 -9.04 1.59 4.26
C LEU A 50 -10.10 0.84 5.07
N SER A 51 -10.13 -0.49 5.00
CA SER A 51 -11.08 -1.30 5.79
C SER A 51 -10.82 -1.15 7.28
N LYS A 52 -9.56 -0.84 7.60
CA LYS A 52 -9.10 -0.63 8.97
C LYS A 52 -9.69 0.67 9.48
N LEU A 53 -9.62 1.72 8.65
CA LEU A 53 -10.16 3.01 9.01
C LEU A 53 -11.65 2.90 9.22
N GLN A 54 -12.27 2.01 8.46
CA GLN A 54 -13.71 1.76 8.57
C GLN A 54 -13.94 1.19 9.96
N ARG A 55 -13.16 0.16 10.30
CA ARG A 55 -13.23 -0.50 11.60
C ARG A 55 -13.15 0.53 12.74
N HIS A 56 -12.29 1.53 12.57
CA HIS A 56 -12.09 2.59 13.55
C HIS A 56 -13.06 3.78 13.41
N GLY A 57 -14.05 3.65 12.52
CA GLY A 57 -15.03 4.70 12.31
C GLY A 57 -14.52 6.01 11.71
N ILE A 58 -13.35 5.99 11.09
CA ILE A 58 -12.80 7.22 10.53
C ILE A 58 -12.84 7.37 9.01
N LEU A 59 -13.46 6.41 8.33
CA LEU A 59 -13.53 6.49 6.86
C LEU A 59 -14.69 7.35 6.37
N ASP A 60 -15.88 7.03 6.86
CA ASP A 60 -17.09 7.71 6.44
C ASP A 60 -17.07 9.23 6.56
N GLY A 61 -17.36 9.88 5.45
CA GLY A 61 -17.42 11.33 5.40
C GLY A 61 -16.09 11.99 5.14
N ALA A 62 -15.04 11.20 4.91
CA ALA A 62 -13.71 11.72 4.65
C ALA A 62 -13.42 11.97 3.16
N THR A 63 -12.39 12.77 2.88
CA THR A 63 -11.98 12.98 1.50
C THR A 63 -10.66 12.24 1.40
N VAL A 64 -10.55 11.31 0.47
CA VAL A 64 -9.31 10.59 0.31
C VAL A 64 -8.49 11.31 -0.74
N VAL A 65 -7.39 11.92 -0.31
CA VAL A 65 -6.45 12.61 -1.18
C VAL A 65 -5.37 11.60 -1.59
N TYR A 66 -5.40 11.21 -2.85
CA TYR A 66 -4.46 10.25 -3.37
C TYR A 66 -3.54 11.04 -4.29
N ILE A 67 -2.27 11.11 -3.89
CA ILE A 67 -1.24 11.80 -4.66
C ILE A 67 -0.33 10.71 -5.26
N GLY A 68 -0.11 10.80 -6.57
CA GLY A 68 0.68 9.80 -7.26
C GLY A 68 -0.28 8.69 -7.67
N SER A 69 -1.50 9.09 -8.05
CA SER A 69 -2.59 8.19 -8.39
C SER A 69 -2.80 7.60 -9.79
N ALA A 70 -2.15 8.17 -10.82
CA ALA A 70 -2.29 7.76 -12.22
C ALA A 70 -1.41 6.57 -12.59
N PRO A 71 -1.91 5.66 -13.44
CA PRO A 71 -3.24 5.72 -14.05
C PRO A 71 -4.36 5.52 -13.05
N GLY A 72 -4.06 4.79 -11.96
CA GLY A 72 -5.04 4.54 -10.92
C GLY A 72 -6.21 3.64 -11.23
N THR A 73 -6.03 2.77 -12.21
CA THR A 73 -7.03 1.81 -12.66
C THR A 73 -7.69 1.06 -11.50
N HIS A 74 -6.87 0.59 -10.57
CA HIS A 74 -7.35 -0.16 -9.42
C HIS A 74 -8.17 0.68 -8.42
N ILE A 75 -8.04 2.00 -8.48
CA ILE A 75 -8.74 2.92 -7.57
C ILE A 75 -10.26 2.91 -7.88
N ARG A 76 -10.61 2.50 -9.10
CA ARG A 76 -12.00 2.41 -9.51
C ARG A 76 -12.65 1.26 -8.74
N TYR A 77 -11.92 0.18 -8.53
CA TYR A 77 -12.49 -0.92 -7.74
C TYR A 77 -12.68 -0.48 -6.27
N LEU A 78 -11.67 0.15 -5.69
CA LEU A 78 -11.77 0.62 -4.29
C LEU A 78 -12.96 1.53 -4.13
N ARG A 79 -13.04 2.50 -5.03
CA ARG A 79 -14.12 3.48 -5.04
C ARG A 79 -15.49 2.78 -5.06
N ASP A 80 -15.63 1.77 -5.92
CA ASP A 80 -16.89 1.06 -6.03
C ASP A 80 -17.19 0.23 -4.80
N HIS A 81 -16.17 -0.43 -4.27
CA HIS A 81 -16.36 -1.25 -3.10
C HIS A 81 -16.98 -0.47 -1.95
N PHE A 82 -16.44 0.70 -1.61
CA PHE A 82 -16.97 1.50 -0.49
C PHE A 82 -18.22 2.28 -0.75
N TYR A 83 -18.45 2.58 -2.03
CA TYR A 83 -19.62 3.29 -2.49
C TYR A 83 -20.81 2.32 -2.39
N ASN A 84 -20.59 1.07 -2.79
CA ASN A 84 -21.64 0.08 -2.73
C ASN A 84 -21.88 -0.39 -1.30
N LEU A 85 -20.99 0.01 -0.41
CA LEU A 85 -21.14 -0.36 0.97
C LEU A 85 -21.92 0.69 1.72
N GLY A 86 -22.10 1.86 1.09
CA GLY A 86 -22.83 2.95 1.74
C GLY A 86 -21.94 3.95 2.44
N VAL A 87 -20.63 3.77 2.36
CA VAL A 87 -19.71 4.71 3.00
C VAL A 87 -19.63 5.94 2.11
N ILE A 88 -19.74 7.12 2.70
CA ILE A 88 -19.66 8.37 1.95
C ILE A 88 -18.18 8.79 1.96
N ILE A 89 -17.58 8.97 0.78
CA ILE A 89 -16.17 9.36 0.64
C ILE A 89 -16.02 10.17 -0.65
N LYS A 90 -15.20 11.21 -0.62
CA LYS A 90 -14.91 11.96 -1.84
C LYS A 90 -13.47 11.52 -2.11
N TRP A 91 -13.13 11.36 -3.39
CA TRP A 91 -11.79 10.96 -3.76
C TRP A 91 -11.23 12.12 -4.55
N MET A 92 -10.01 12.52 -4.23
CA MET A 92 -9.37 13.60 -4.94
C MET A 92 -8.07 12.98 -5.42
N LEU A 93 -8.00 12.70 -6.71
CA LEU A 93 -6.84 12.04 -7.26
C LEU A 93 -6.00 13.06 -7.98
N ILE A 94 -4.74 13.21 -7.55
CA ILE A 94 -3.82 14.19 -8.10
C ILE A 94 -2.50 13.59 -8.62
N ASP A 95 -2.18 13.87 -9.86
CA ASP A 95 -0.95 13.35 -10.48
C ASP A 95 -0.82 14.24 -11.71
N GLY A 96 0.41 14.34 -12.21
CA GLY A 96 0.67 15.12 -13.41
C GLY A 96 0.41 14.29 -14.66
N ARG A 97 0.36 12.97 -14.49
CA ARG A 97 0.08 12.05 -15.58
C ARG A 97 -1.44 11.87 -15.70
N HIS A 98 -1.87 11.18 -16.74
CA HIS A 98 -3.29 10.99 -16.93
C HIS A 98 -3.88 9.70 -16.35
N HIS A 99 -5.07 9.86 -15.75
CA HIS A 99 -5.78 8.77 -15.12
C HIS A 99 -6.56 7.90 -16.08
N ASP A 100 -6.82 6.66 -15.64
CA ASP A 100 -7.61 5.74 -16.42
C ASP A 100 -8.99 6.35 -16.59
N PRO A 101 -9.43 6.54 -17.85
CA PRO A 101 -10.75 7.12 -18.07
C PRO A 101 -11.89 6.46 -17.32
N ILE A 102 -11.67 5.27 -16.77
CA ILE A 102 -12.74 4.61 -16.02
C ILE A 102 -13.08 5.35 -14.74
N LEU A 103 -12.28 6.36 -14.42
CA LEU A 103 -12.47 7.15 -13.21
C LEU A 103 -13.30 8.42 -13.44
N ASN A 104 -13.56 8.71 -14.70
CA ASN A 104 -14.34 9.88 -15.06
C ASN A 104 -15.81 9.60 -14.86
N GLY A 105 -16.58 10.68 -14.89
CA GLY A 105 -18.02 10.61 -14.79
C GLY A 105 -18.61 10.20 -13.48
N LEU A 106 -17.87 10.43 -12.40
CA LEU A 106 -18.32 10.08 -11.06
C LEU A 106 -18.31 11.36 -10.26
N ARG A 107 -19.45 11.77 -9.75
CA ARG A 107 -19.49 13.01 -8.99
C ARG A 107 -18.62 12.96 -7.74
N ASP A 108 -18.38 11.75 -7.23
CA ASP A 108 -17.60 11.58 -6.01
C ASP A 108 -16.10 11.53 -6.15
N VAL A 109 -15.60 11.47 -7.38
CA VAL A 109 -14.18 11.46 -7.57
C VAL A 109 -13.71 12.57 -8.51
N THR A 110 -12.78 13.37 -7.99
CA THR A 110 -12.21 14.49 -8.72
C THR A 110 -10.78 14.13 -9.15
N LEU A 111 -10.51 14.30 -10.44
CA LEU A 111 -9.20 14.01 -10.99
C LEU A 111 -8.49 15.35 -11.26
N VAL A 112 -7.28 15.47 -10.76
CA VAL A 112 -6.52 16.69 -10.91
C VAL A 112 -5.19 16.40 -11.61
N THR A 113 -4.91 17.13 -12.68
CA THR A 113 -3.68 16.97 -13.44
C THR A 113 -2.70 18.07 -12.98
N ARG A 114 -1.95 17.74 -11.94
CA ARG A 114 -0.99 18.65 -11.33
C ARG A 114 0.05 17.85 -10.58
N PHE A 115 1.29 18.29 -10.66
CA PHE A 115 2.33 17.66 -9.89
C PHE A 115 2.25 18.54 -8.64
N VAL A 116 2.06 17.94 -7.48
CA VAL A 116 1.97 18.72 -6.26
C VAL A 116 3.33 19.18 -5.74
N ASP A 117 3.30 20.32 -5.06
CA ASP A 117 4.46 20.91 -4.43
C ASP A 117 3.90 21.44 -3.13
N GLU A 118 4.77 21.85 -2.22
CA GLU A 118 4.34 22.36 -0.92
C GLU A 118 3.31 23.48 -1.01
N GLU A 119 3.45 24.34 -2.00
CA GLU A 119 2.52 25.45 -2.21
C GLU A 119 1.12 24.96 -2.60
N TYR A 120 1.08 24.00 -3.53
CA TYR A 120 -0.17 23.43 -4.01
C TYR A 120 -0.90 22.71 -2.88
N LEU A 121 -0.15 22.03 -2.02
CA LEU A 121 -0.72 21.33 -0.88
C LEU A 121 -1.48 22.31 0.01
N ARG A 122 -0.90 23.50 0.19
CA ARG A 122 -1.47 24.57 1.02
C ARG A 122 -2.84 25.03 0.49
N SER A 123 -2.94 25.21 -0.82
CA SER A 123 -4.20 25.61 -1.44
C SER A 123 -5.29 24.53 -1.41
N ILE A 124 -4.90 23.25 -1.60
CA ILE A 124 -5.91 22.19 -1.53
C ILE A 124 -6.40 22.05 -0.10
N LYS A 125 -5.52 22.22 0.88
CA LYS A 125 -5.92 22.14 2.28
C LYS A 125 -6.96 23.24 2.56
N LYS A 126 -6.70 24.45 2.09
CA LYS A 126 -7.63 25.58 2.25
C LYS A 126 -8.95 25.27 1.58
N GLN A 127 -8.89 24.63 0.41
CA GLN A 127 -10.10 24.30 -0.32
C GLN A 127 -10.84 23.07 0.21
N LEU A 128 -10.12 22.12 0.78
CA LEU A 128 -10.75 20.92 1.31
C LEU A 128 -11.40 21.18 2.68
N HIS A 129 -10.86 22.16 3.40
CA HIS A 129 -11.35 22.53 4.73
C HIS A 129 -12.85 22.83 4.73
N PRO A 130 -13.55 22.41 5.79
CA PRO A 130 -13.11 21.69 7.00
C PRO A 130 -13.22 20.16 6.98
N SER A 131 -13.15 19.55 5.81
CA SER A 131 -13.27 18.10 5.71
C SER A 131 -12.07 17.34 6.28
N LYS A 132 -12.36 16.14 6.80
CA LYS A 132 -11.37 15.23 7.36
C LYS A 132 -10.65 14.60 6.17
N ILE A 133 -9.32 14.62 6.20
CA ILE A 133 -8.50 14.10 5.12
C ILE A 133 -7.74 12.81 5.39
N ILE A 134 -7.83 11.88 4.46
CA ILE A 134 -7.09 10.61 4.52
C ILE A 134 -6.12 10.71 3.35
N LEU A 135 -4.84 10.51 3.63
CA LEU A 135 -3.81 10.65 2.62
C LEU A 135 -3.23 9.33 2.18
N ILE A 136 -3.07 9.21 0.87
CA ILE A 136 -2.47 8.04 0.25
C ILE A 136 -1.47 8.67 -0.70
N SER A 137 -0.22 8.27 -0.57
CA SER A 137 0.84 8.78 -1.42
C SER A 137 1.53 7.60 -2.12
N ASP A 138 1.71 7.71 -3.43
CA ASP A 138 2.39 6.69 -4.18
C ASP A 138 3.28 7.39 -5.19
N VAL A 139 3.82 8.54 -4.82
CA VAL A 139 4.66 9.31 -5.73
C VAL A 139 6.01 8.64 -6.00
N ARG A 140 6.50 8.77 -7.21
CA ARG A 140 7.79 8.22 -7.62
C ARG A 140 8.40 9.21 -8.60
N SER A 141 9.67 9.51 -8.36
CA SER A 141 10.45 10.46 -9.17
C SER A 141 10.55 10.12 -10.67
N PRO A 148 14.99 4.51 -7.96
CA PRO A 148 15.56 5.82 -8.32
C PRO A 148 16.78 6.00 -7.44
N SER A 149 17.40 7.17 -7.47
CA SER A 149 18.57 7.40 -6.65
C SER A 149 18.15 7.54 -5.19
N THR A 150 19.12 7.45 -4.28
CA THR A 150 18.82 7.64 -2.88
C THR A 150 18.40 9.09 -2.71
N ALA A 151 18.93 9.95 -3.57
CA ALA A 151 18.58 11.37 -3.57
C ALA A 151 17.11 11.55 -4.00
N ASP A 152 16.67 10.74 -4.95
CA ASP A 152 15.28 10.80 -5.39
C ASP A 152 14.40 10.37 -4.24
N LEU A 153 14.77 9.26 -3.61
CA LEU A 153 14.02 8.73 -2.49
C LEU A 153 13.81 9.76 -1.41
N LEU A 154 14.91 10.26 -0.86
CA LEU A 154 14.90 11.27 0.22
C LEU A 154 13.99 12.45 -0.13
N SER A 155 14.04 12.83 -1.39
CA SER A 155 13.25 13.91 -1.93
C SER A 155 11.75 13.53 -1.87
N ASN A 156 11.43 12.28 -2.19
CA ASN A 156 10.05 11.80 -2.16
C ASN A 156 9.57 11.75 -0.73
N TYR A 157 10.40 11.16 0.13
CA TYR A 157 10.10 11.05 1.58
C TYR A 157 9.96 12.41 2.22
N ALA A 158 10.78 13.35 1.79
CA ALA A 158 10.69 14.71 2.32
C ALA A 158 9.37 15.37 1.86
N LEU A 159 8.88 15.04 0.66
CA LEU A 159 7.61 15.59 0.17
C LEU A 159 6.43 14.97 0.92
N GLN A 160 6.48 13.66 1.16
CA GLN A 160 5.42 12.98 1.88
C GLN A 160 5.26 13.47 3.32
N ASN A 161 6.35 13.85 3.96
CA ASN A 161 6.26 14.37 5.32
C ASN A 161 5.57 15.74 5.31
N VAL A 162 5.77 16.50 4.23
CA VAL A 162 5.16 17.83 4.07
C VAL A 162 3.66 17.69 3.74
N MET A 163 3.32 16.59 3.08
CA MET A 163 1.93 16.29 2.75
C MET A 163 1.16 16.15 4.07
N ILE A 164 1.74 15.43 5.02
CA ILE A 164 1.11 15.20 6.32
C ILE A 164 1.02 16.47 7.18
N SER A 165 2.11 17.22 7.24
CA SER A 165 2.11 18.43 8.03
C SER A 165 1.20 19.51 7.47
N ILE A 166 1.09 19.61 6.15
CA ILE A 166 0.21 20.62 5.55
C ILE A 166 -1.25 20.18 5.48
N LEU A 167 -1.49 18.96 5.04
CA LEU A 167 -2.84 18.42 4.93
C LEU A 167 -3.39 18.03 6.27
N ASN A 168 -2.51 17.64 7.19
CA ASN A 168 -2.95 17.26 8.52
C ASN A 168 -4.09 16.20 8.41
N PRO A 169 -3.78 15.01 7.82
CA PRO A 169 -4.77 13.95 7.65
C PRO A 169 -5.08 13.21 8.94
N VAL A 170 -6.20 12.48 8.96
CA VAL A 170 -6.59 11.68 10.11
C VAL A 170 -5.88 10.32 10.05
N ALA A 171 -5.40 9.95 8.86
CA ALA A 171 -4.68 8.69 8.63
C ALA A 171 -3.90 8.82 7.32
N SER A 172 -2.86 8.03 7.16
CA SER A 172 -2.06 8.09 5.95
C SER A 172 -1.47 6.74 5.54
N SER A 173 -1.32 6.55 4.24
CA SER A 173 -0.72 5.36 3.67
C SER A 173 0.38 5.98 2.84
N LEU A 174 1.63 5.59 3.08
CA LEU A 174 2.75 6.15 2.34
C LEU A 174 3.63 5.07 1.74
N LYS A 175 4.20 5.38 0.60
CA LYS A 175 5.11 4.49 -0.10
C LYS A 175 6.41 4.50 0.74
N TRP A 176 6.94 3.34 1.10
CA TRP A 176 8.15 3.29 1.91
C TRP A 176 9.12 2.18 1.49
N ARG A 177 10.29 2.56 1.02
CA ARG A 177 11.32 1.61 0.64
C ARG A 177 12.63 2.25 1.06
N CYS A 178 13.30 1.60 1.97
CA CYS A 178 14.53 2.16 2.47
C CYS A 178 15.65 2.22 1.44
N PRO A 179 16.43 3.31 1.45
CA PRO A 179 17.52 3.37 0.47
C PRO A 179 18.50 2.25 0.82
N PHE A 180 19.23 1.76 -0.17
CA PHE A 180 20.16 0.67 0.09
C PHE A 180 21.39 1.14 0.82
N PRO A 181 21.81 0.38 1.86
CA PRO A 181 22.98 0.72 2.68
C PRO A 181 24.22 1.15 1.89
N ASP A 182 24.53 0.43 0.81
CA ASP A 182 25.69 0.78 0.00
C ASP A 182 25.45 2.04 -0.83
N GLN A 183 24.29 2.65 -0.66
CA GLN A 183 23.93 3.86 -1.36
C GLN A 183 23.45 4.88 -0.33
N TRP A 184 23.93 4.76 0.90
CA TRP A 184 23.51 5.68 1.94
C TRP A 184 24.02 7.08 1.67
N ILE A 185 23.24 8.09 2.07
CA ILE A 185 23.58 9.49 1.91
C ILE A 185 23.47 10.16 3.25
N LYS A 186 22.38 9.92 3.95
CA LYS A 186 22.20 10.49 5.26
C LYS A 186 20.98 9.95 5.96
N ASP A 187 21.03 10.03 7.29
CA ASP A 187 19.94 9.58 8.14
C ASP A 187 18.78 10.53 7.93
N PHE A 188 17.56 10.01 7.94
CA PHE A 188 16.39 10.87 7.74
C PHE A 188 15.21 10.38 8.57
N TYR A 189 14.16 11.18 8.64
CA TYR A 189 12.99 10.83 9.44
C TYR A 189 11.79 10.47 8.58
N ILE A 190 11.01 9.52 9.06
CA ILE A 190 9.79 9.09 8.38
C ILE A 190 8.70 9.06 9.45
N PRO A 191 7.41 9.17 9.06
CA PRO A 191 6.35 9.15 10.05
C PRO A 191 6.30 7.79 10.71
N HIS A 192 5.84 7.78 11.95
CA HIS A 192 5.71 6.54 12.67
C HIS A 192 4.43 5.88 12.17
N GLY A 193 4.49 4.58 11.91
CA GLY A 193 3.32 3.85 11.46
C GLY A 193 3.64 2.36 11.39
N ASN A 194 2.69 1.56 10.92
CA ASN A 194 2.90 0.11 10.76
C ASN A 194 3.51 -0.06 9.38
N LYS A 195 4.50 -0.95 9.27
CA LYS A 195 5.15 -1.19 7.99
C LYS A 195 4.43 -2.36 7.35
N MET A 196 3.34 -2.09 6.65
CA MET A 196 2.58 -3.16 6.03
C MET A 196 3.33 -3.78 4.88
N LEU A 197 3.48 -5.09 4.93
CA LEU A 197 4.15 -5.87 3.90
C LEU A 197 3.16 -6.04 2.74
N GLN A 198 3.68 -6.13 1.52
CA GLN A 198 2.83 -6.23 0.34
C GLN A 198 2.83 -7.50 -0.51
N PRO A 199 1.73 -8.26 -0.48
CA PRO A 199 1.77 -9.46 -1.34
C PRO A 199 1.75 -8.98 -2.82
N PHE A 200 2.34 -9.77 -3.71
CA PHE A 200 2.37 -9.42 -5.13
C PHE A 200 3.24 -8.24 -5.44
N ALA A 201 4.14 -7.92 -4.51
CA ALA A 201 5.14 -6.87 -4.71
C ALA A 201 6.12 -7.49 -5.73
N PRO A 202 6.96 -6.67 -6.41
CA PRO A 202 7.88 -7.35 -7.35
C PRO A 202 8.74 -8.35 -6.60
N SER A 203 9.13 -9.42 -7.29
CA SER A 203 9.93 -10.51 -6.73
C SER A 203 10.95 -10.21 -5.64
N TYR A 204 11.73 -9.16 -5.83
CA TYR A 204 12.74 -8.79 -4.84
C TYR A 204 12.59 -7.37 -4.32
N SER A 205 11.36 -6.90 -4.30
CA SER A 205 11.07 -5.57 -3.82
C SER A 205 11.21 -5.45 -2.29
N ALA A 206 11.81 -4.35 -1.84
CA ALA A 206 11.97 -4.07 -0.41
C ALA A 206 10.95 -3.05 0.05
N GLU A 207 10.00 -2.74 -0.83
CA GLU A 207 8.95 -1.75 -0.57
C GLU A 207 7.77 -2.23 0.24
N MET A 208 7.29 -1.35 1.12
CA MET A 208 6.15 -1.61 1.97
C MET A 208 5.36 -0.30 1.99
N ARG A 209 4.28 -0.28 2.76
CA ARG A 209 3.46 0.91 2.88
C ARG A 209 3.41 1.30 4.36
N LEU A 210 3.68 2.57 4.64
CA LEU A 210 3.69 3.09 6.02
C LEU A 210 2.27 3.59 6.33
N LEU A 211 1.55 2.82 7.15
CA LEU A 211 0.15 3.08 7.58
C LEU A 211 0.12 3.82 8.91
N SER A 212 -0.54 4.96 8.97
CA SER A 212 -0.58 5.77 10.18
C SER A 212 -1.93 6.42 10.47
N ILE A 213 -2.28 6.45 11.75
CA ILE A 213 -3.52 7.07 12.18
C ILE A 213 -3.15 8.19 13.14
N TYR A 214 -3.62 9.39 12.86
CA TYR A 214 -3.27 10.51 13.68
C TYR A 214 -4.28 10.89 14.77
N THR A 215 -3.82 10.70 16.02
CA THR A 215 -4.57 10.99 17.24
C THR A 215 -3.96 12.27 17.80
N GLY A 216 -4.76 13.06 18.52
CA GLY A 216 -4.24 14.29 19.08
C GLY A 216 -3.75 15.21 17.99
N GLU A 217 -2.90 16.16 18.35
CA GLU A 217 -2.35 17.11 17.38
C GLU A 217 -0.86 16.84 17.20
N ASN A 218 -0.44 15.69 17.70
CA ASN A 218 0.96 15.26 17.66
C ASN A 218 1.31 14.55 16.38
N MET A 219 2.60 14.56 16.09
CA MET A 219 3.15 13.91 14.92
C MET A 219 4.42 13.25 15.38
N ARG A 220 4.44 11.92 15.35
CA ARG A 220 5.61 11.16 15.74
C ARG A 220 6.36 10.69 14.49
N LEU A 221 7.66 10.96 14.48
CA LEU A 221 8.56 10.56 13.40
C LEU A 221 9.59 9.58 13.96
N THR A 222 10.35 8.96 13.09
CA THR A 222 11.36 8.03 13.53
C THR A 222 12.53 8.12 12.58
N ARG A 223 13.72 8.14 13.16
CA ARG A 223 14.95 8.27 12.38
C ARG A 223 15.30 6.99 11.65
N VAL A 224 15.87 7.11 10.46
CA VAL A 224 16.28 5.93 9.73
C VAL A 224 17.76 6.10 9.40
N THR A 225 18.55 5.18 9.93
CA THR A 225 19.99 5.17 9.78
C THR A 225 20.47 4.12 8.79
N LYS A 226 21.78 4.12 8.53
CA LYS A 226 22.37 3.16 7.62
C LYS A 226 22.27 1.73 8.16
N SER A 227 22.40 1.57 9.48
CA SER A 227 22.30 0.24 10.07
C SER A 227 20.87 -0.27 9.87
N ASP A 228 19.92 0.66 9.96
CA ASP A 228 18.51 0.34 9.75
C ASP A 228 18.38 -0.10 8.28
N ALA A 229 19.06 0.63 7.40
CA ALA A 229 19.06 0.31 5.98
C ALA A 229 19.63 -1.07 5.69
N VAL A 230 20.60 -1.52 6.48
CA VAL A 230 21.20 -2.85 6.29
C VAL A 230 20.20 -3.89 6.72
N ASN A 231 19.54 -3.60 7.83
CA ASN A 231 18.54 -4.50 8.38
C ASN A 231 17.39 -4.75 7.38
N TYR A 232 16.85 -3.67 6.80
CA TYR A 232 15.75 -3.73 5.83
C TYR A 232 16.07 -4.63 4.67
N GLU A 233 17.29 -4.46 4.19
CA GLU A 233 17.81 -5.21 3.07
C GLU A 233 17.91 -6.73 3.31
N LYS A 234 18.35 -7.10 4.50
CA LYS A 234 18.53 -8.51 4.81
C LYS A 234 17.23 -9.20 5.18
N LYS A 235 16.36 -8.48 5.85
CA LYS A 235 15.06 -9.00 6.26
C LYS A 235 14.19 -9.13 5.00
N MET A 236 14.18 -8.11 4.15
CA MET A 236 13.37 -8.20 2.94
C MET A 236 13.96 -9.19 1.95
N TYR A 237 15.28 -9.40 2.01
CA TYR A 237 15.89 -10.33 1.10
C TYR A 237 15.56 -11.76 1.54
N TYR A 238 15.43 -11.96 2.84
CA TYR A 238 15.06 -13.27 3.36
C TYR A 238 13.58 -13.54 3.01
N LEU A 239 12.73 -12.55 3.24
CA LEU A 239 11.29 -12.65 2.93
C LEU A 239 11.05 -13.01 1.46
N ASN A 240 11.72 -12.29 0.56
CA ASN A 240 11.61 -12.48 -0.90
C ASN A 240 12.17 -13.77 -1.46
N LYS A 241 13.42 -14.04 -1.13
CA LYS A 241 14.11 -15.23 -1.60
C LYS A 241 13.59 -16.54 -1.01
N ILE A 242 13.35 -16.54 0.29
CA ILE A 242 12.92 -17.76 0.97
C ILE A 242 11.42 -17.86 1.16
N VAL A 243 10.89 -16.98 1.99
CA VAL A 243 9.48 -16.99 2.33
C VAL A 243 8.50 -16.95 1.18
N ARG A 244 8.57 -15.90 0.39
CA ARG A 244 7.65 -15.75 -0.71
C ARG A 244 7.75 -16.86 -1.73
N ASN A 245 8.73 -17.72 -1.57
CA ASN A 245 8.90 -18.83 -2.48
C ASN A 245 8.31 -20.16 -1.99
N LYS A 246 7.62 -20.08 -0.85
CA LYS A 246 7.02 -21.24 -0.23
C LYS A 246 5.59 -21.54 -0.67
N VAL A 247 5.28 -22.84 -0.68
CA VAL A 247 3.97 -23.37 -0.98
C VAL A 247 3.47 -23.77 0.41
N VAL A 248 2.43 -23.09 0.89
CA VAL A 248 1.86 -23.34 2.21
C VAL A 248 0.82 -24.48 2.12
N VAL A 249 1.28 -25.73 2.22
CA VAL A 249 0.44 -26.93 2.11
C VAL A 249 -0.72 -27.06 3.09
N ASN A 250 -0.61 -26.45 4.25
CA ASN A 250 -1.71 -26.51 5.20
C ASN A 250 -2.67 -25.33 4.94
N PHE A 251 -2.56 -24.72 3.74
CA PHE A 251 -3.42 -23.61 3.32
C PHE A 251 -4.36 -24.21 2.28
N ASP A 252 -5.56 -24.56 2.73
CA ASP A 252 -6.57 -25.14 1.85
C ASP A 252 -7.20 -23.99 1.10
N TYR A 253 -6.70 -23.76 -0.10
CA TYR A 253 -7.19 -22.70 -0.92
C TYR A 253 -6.79 -23.10 -2.32
N PRO A 254 -7.53 -22.66 -3.34
CA PRO A 254 -7.19 -23.01 -4.72
C PRO A 254 -5.72 -22.72 -5.04
N ASN A 255 -5.14 -21.71 -4.39
CA ASN A 255 -3.75 -21.39 -4.61
C ASN A 255 -3.05 -21.30 -3.26
N GLN A 256 -2.05 -22.15 -3.11
CA GLN A 256 -1.33 -22.24 -1.86
C GLN A 256 -0.03 -21.49 -1.76
N GLU A 257 0.39 -20.87 -2.85
CA GLU A 257 1.61 -20.08 -2.84
C GLU A 257 1.53 -19.02 -1.74
N TYR A 258 2.69 -18.69 -1.19
CA TYR A 258 2.73 -17.71 -0.11
C TYR A 258 1.92 -16.41 -0.32
N ASP A 259 2.11 -15.72 -1.45
CA ASP A 259 1.41 -14.46 -1.75
C ASP A 259 -0.13 -14.55 -1.70
N TYR A 260 -0.67 -15.73 -2.04
CA TYR A 260 -2.11 -15.98 -1.98
C TYR A 260 -2.50 -16.23 -0.51
N PHE A 261 -1.63 -16.91 0.22
CA PHE A 261 -1.83 -17.16 1.65
C PHE A 261 -1.80 -15.80 2.32
N HIS A 262 -0.85 -14.95 1.90
CA HIS A 262 -0.68 -13.61 2.44
C HIS A 262 -1.87 -12.70 2.07
N MET A 263 -2.30 -12.78 0.81
CA MET A 263 -3.44 -11.99 0.34
C MET A 263 -4.70 -12.34 1.14
N TYR A 264 -4.90 -13.64 1.37
CA TYR A 264 -6.05 -14.15 2.11
C TYR A 264 -6.18 -13.44 3.44
N PHE A 265 -5.08 -13.28 4.14
CA PHE A 265 -5.13 -12.62 5.42
C PHE A 265 -5.54 -11.17 5.30
N MET A 266 -5.22 -10.52 4.18
CA MET A 266 -5.60 -9.12 3.99
C MET A 266 -7.06 -9.06 3.63
N LEU A 267 -7.49 -9.94 2.74
CA LEU A 267 -8.88 -9.95 2.31
C LEU A 267 -9.87 -10.35 3.38
N ARG A 268 -9.42 -11.13 4.37
CA ARG A 268 -10.33 -11.54 5.41
C ARG A 268 -10.76 -10.36 6.28
N THR A 269 -10.08 -9.22 6.17
CA THR A 269 -10.41 -8.03 6.99
C THR A 269 -11.42 -7.05 6.34
N VAL A 270 -11.67 -7.30 5.06
CA VAL A 270 -12.56 -6.52 4.22
C VAL A 270 -14.03 -6.81 4.52
N TYR A 271 -14.83 -5.75 4.60
CA TYR A 271 -16.28 -5.83 4.85
C TYR A 271 -17.04 -6.07 3.56
N CYS A 272 -18.12 -6.83 3.67
CA CYS A 272 -18.98 -7.11 2.52
C CYS A 272 -20.47 -7.03 2.86
N ASN A 273 -21.28 -6.80 1.82
CA ASN A 273 -22.75 -6.74 1.98
C ASN A 273 -23.28 -8.16 2.05
N LYS A 274 -22.76 -9.00 1.14
CA LYS A 274 -23.14 -10.41 1.04
C LYS A 274 -22.64 -11.11 2.28
N THR A 275 -23.47 -11.99 2.84
CA THR A 275 -23.07 -12.75 4.02
C THR A 275 -22.55 -14.07 3.52
N PHE A 276 -21.48 -14.54 4.13
CA PHE A 276 -20.84 -15.79 3.74
C PHE A 276 -20.75 -16.75 4.93
N PRO A 277 -20.86 -18.07 4.68
CA PRO A 277 -20.79 -19.11 5.72
C PRO A 277 -19.39 -19.29 6.31
N THR A 278 -18.37 -19.01 5.50
CA THR A 278 -16.97 -19.12 5.91
C THR A 278 -16.14 -17.95 5.40
N THR A 279 -15.00 -17.71 6.06
CA THR A 279 -14.08 -16.64 5.65
C THR A 279 -13.51 -16.99 4.30
N LYS A 280 -13.34 -18.28 4.04
CA LYS A 280 -12.82 -18.77 2.76
C LYS A 280 -13.77 -18.40 1.63
N ALA A 281 -15.06 -18.46 1.94
CA ALA A 281 -16.11 -18.12 1.00
C ALA A 281 -16.01 -16.64 0.64
N LYS A 282 -15.76 -15.81 1.65
CA LYS A 282 -15.64 -14.38 1.42
C LYS A 282 -14.40 -14.07 0.59
N VAL A 283 -13.26 -14.53 1.08
CA VAL A 283 -11.98 -14.33 0.40
C VAL A 283 -12.03 -14.81 -1.07
N LEU A 284 -12.46 -16.04 -1.32
CA LEU A 284 -12.55 -16.53 -2.69
C LEU A 284 -13.34 -15.55 -3.55
N PHE A 285 -14.44 -15.04 -2.99
CA PHE A 285 -15.34 -14.10 -3.64
C PHE A 285 -14.63 -12.79 -3.96
N LEU A 286 -14.03 -12.18 -2.96
CA LEU A 286 -13.33 -10.90 -3.15
C LEU A 286 -12.17 -11.04 -4.11
N GLN A 287 -11.46 -12.16 -4.02
CA GLN A 287 -10.32 -12.40 -4.88
C GLN A 287 -10.79 -12.58 -6.30
N GLN A 288 -11.78 -13.45 -6.49
CA GLN A 288 -12.36 -13.67 -7.82
C GLN A 288 -12.76 -12.32 -8.38
N SER A 289 -13.53 -11.60 -7.58
CA SER A 289 -14.03 -10.29 -7.94
C SER A 289 -12.89 -9.34 -8.35
N ILE A 290 -11.84 -9.31 -7.52
CA ILE A 290 -10.70 -8.45 -7.76
C ILE A 290 -9.95 -8.84 -9.03
N PHE A 291 -9.73 -10.13 -9.23
CA PHE A 291 -9.05 -10.60 -10.41
C PHE A 291 -9.86 -10.33 -11.68
N ARG A 292 -11.18 -10.52 -11.62
CA ARG A 292 -12.02 -10.27 -12.79
C ARG A 292 -11.94 -8.79 -13.14
N PHE A 293 -12.08 -7.94 -12.13
CA PHE A 293 -12.02 -6.52 -12.36
C PHE A 293 -10.70 -6.18 -13.03
N LEU A 294 -9.59 -6.67 -12.47
CA LEU A 294 -8.28 -6.36 -13.03
C LEU A 294 -7.87 -7.07 -14.31
N ASN A 295 -8.69 -8.03 -14.76
CA ASN A 295 -8.43 -8.79 -15.98
C ASN A 295 -7.24 -9.75 -15.81
N ILE A 296 -7.08 -10.27 -14.59
CA ILE A 296 -6.03 -11.23 -14.26
C ILE A 296 -6.69 -12.61 -14.28
N PRO A 297 -6.26 -13.48 -15.21
CA PRO A 297 -6.78 -14.84 -15.36
C PRO A 297 -7.09 -15.59 -14.05
#